data_6SQC
#
_entry.id   6SQC
#
_cell.length_a   103.180
_cell.length_b   42.460
_cell.length_c   113.790
_cell.angle_alpha   90.000
_cell.angle_beta   101.125
_cell.angle_gamma   90.000
#
_symmetry.space_group_name_H-M   'C 1 2 1'
#
loop_
_entity.id
_entity.type
_entity.pdbx_description
1 polymer 'Maltose/maltodextrin-binding periplasmic protein,CREB-binding protein'
2 polymer 'Nuclear receptor coactivator 3'
3 branched alpha-D-glucopyranose-(1-4)-alpha-D-glucopyranose
4 non-polymer 1,2-ETHANEDIOL
5 non-polymer 'ZINC ION'
6 water water
#
loop_
_entity_poly.entity_id
_entity_poly.type
_entity_poly.pdbx_seq_one_letter_code
_entity_poly.pdbx_strand_id
1 'polypeptide(L)'
;MKIEEGKLVIWINGDKGYNGLAEVGKKFEKDTGIKVTVEHPDKLEEKFPQVAATGDGPDIIFWAHDRFGGYAQSGLLAEI
TPAAAFQDKLYPFTWDAVRYNGKLIAYPIAVEALSLIYNKDLLPNPPKTWEEIPALDKELKAKGKSALMFNLQEPYFTWP
LIAADGGYAFKYENGKYDIKDVGVDNAGAKAGLTFLVDLIKNKHMNADTDYSIAEAAFNKGETAMTINGPWAWSNIDTSA
VNYGVTVLPTFKGQPSKPFVGVLSAGINAASPNKELAKEFLENYLLTDEGLEAVNKDKPLGAVALKSYEEELAKDPRIAA
TMENAQKGEIMPNIPQMSAFWYAVRTAVINAASGRQTVDAALAAAQTNAAAMSISPSALQDLLRTLKSPSSPQQQQQVLN
ILKSNPQLMAAFIKQRTAKYVANQ
;
A
2 'polypeptide(L)' EGQSDERALLDQLHT(2ML)LSNTDATGLEEIDRALGIPE(2ML)VNQGQALEPK B
#
# COMPACT_ATOMS: atom_id res chain seq x y z
N MET A 1 11.99 -18.80 6.25
N MET A 1 11.79 -19.36 5.73
CA MET A 1 13.40 -18.92 5.91
CA MET A 1 13.19 -19.00 5.81
C MET A 1 13.71 -18.21 4.58
C MET A 1 13.63 -18.24 4.56
N LYS A 2 14.19 -18.97 3.60
CA LYS A 2 14.64 -18.40 2.34
C LYS A 2 13.48 -18.25 1.36
N ILE A 3 13.43 -17.09 0.70
CA ILE A 3 12.50 -16.93 -0.40
C ILE A 3 12.90 -17.88 -1.51
N GLU A 4 11.91 -18.58 -2.08
CA GLU A 4 12.19 -19.57 -3.11
C GLU A 4 12.88 -18.93 -4.30
N GLU A 5 13.99 -19.53 -4.71
CA GLU A 5 14.75 -19.08 -5.87
C GLU A 5 14.29 -19.84 -7.10
N GLY A 6 14.01 -19.10 -8.18
CA GLY A 6 13.53 -19.68 -9.41
C GLY A 6 12.03 -19.61 -9.63
N LYS A 7 11.32 -18.78 -8.86
CA LYS A 7 9.89 -18.60 -9.04
C LYS A 7 9.50 -17.25 -8.45
N LEU A 8 8.24 -16.87 -8.65
CA LEU A 8 7.76 -15.56 -8.25
C LEU A 8 6.51 -15.72 -7.38
N VAL A 9 6.57 -15.21 -6.16
CA VAL A 9 5.41 -15.09 -5.28
C VAL A 9 4.97 -13.63 -5.28
N ILE A 10 3.69 -13.39 -5.55
CA ILE A 10 3.13 -12.06 -5.63
C ILE A 10 2.06 -11.90 -4.56
N TRP A 11 2.06 -10.76 -3.88
CA TRP A 11 1.02 -10.39 -2.94
C TRP A 11 0.30 -9.16 -3.46
N ILE A 12 -1.03 -9.26 -3.58
CA ILE A 12 -1.87 -8.16 -4.02
C ILE A 12 -3.14 -8.16 -3.18
N ASN A 13 -3.71 -6.97 -2.98
CA ASN A 13 -4.87 -6.85 -2.13
C ASN A 13 -6.08 -7.58 -2.72
N GLY A 14 -6.96 -8.04 -1.83
CA GLY A 14 -8.04 -8.94 -2.22
C GLY A 14 -9.10 -8.32 -3.11
N ASP A 15 -9.15 -6.99 -3.21
CA ASP A 15 -10.15 -6.33 -4.02
C ASP A 15 -9.63 -5.88 -5.38
N LYS A 16 -8.47 -6.37 -5.81
CA LYS A 16 -7.77 -5.82 -6.97
C LYS A 16 -7.78 -6.74 -8.18
N GLY A 17 -8.57 -7.80 -8.17
CA GLY A 17 -8.63 -8.67 -9.33
C GLY A 17 -7.38 -9.52 -9.49
N TYR A 18 -7.08 -10.32 -8.47
CA TYR A 18 -5.90 -11.17 -8.50
C TYR A 18 -6.01 -12.27 -9.55
N ASN A 19 -7.24 -12.66 -9.91
CA ASN A 19 -7.42 -13.72 -10.90
C ASN A 19 -6.91 -13.29 -12.27
N GLY A 20 -7.21 -12.06 -12.68
CA GLY A 20 -6.66 -11.55 -13.92
C GLY A 20 -5.15 -11.45 -13.89
N LEU A 21 -4.60 -11.04 -12.73
CA LEU A 21 -3.15 -11.01 -12.59
C LEU A 21 -2.55 -12.40 -12.69
N ALA A 22 -3.22 -13.41 -12.09
CA ALA A 22 -2.73 -14.78 -12.19
C ALA A 22 -2.69 -15.25 -13.65
N GLU A 23 -3.62 -14.76 -14.47
CA GLU A 23 -3.63 -15.16 -15.88
C GLU A 23 -2.38 -14.67 -16.60
N VAL A 24 -1.93 -13.45 -16.29
CA VAL A 24 -0.68 -12.97 -16.88
C VAL A 24 0.51 -13.72 -16.28
N GLY A 25 0.36 -14.26 -15.07
CA GLY A 25 1.42 -15.10 -14.52
C GLY A 25 1.50 -16.44 -15.20
N LYS A 26 0.36 -17.00 -15.62
CA LYS A 26 0.37 -18.25 -16.37
C LYS A 26 0.97 -18.06 -17.76
N LYS A 27 0.73 -16.90 -18.38
CA LYS A 27 1.38 -16.62 -19.65
C LYS A 27 2.87 -16.42 -19.46
N PHE A 28 3.27 -15.78 -18.36
CA PHE A 28 4.68 -15.70 -18.00
C PHE A 28 5.25 -17.10 -17.78
N GLU A 29 4.46 -17.99 -17.19
CA GLU A 29 4.93 -19.35 -16.93
C GLU A 29 5.10 -20.14 -18.21
N LYS A 30 4.16 -20.02 -19.16
CA LYS A 30 4.29 -20.77 -20.40
C LYS A 30 5.43 -20.24 -21.26
N ASP A 31 5.73 -18.94 -21.17
CA ASP A 31 6.81 -18.36 -21.95
C ASP A 31 8.19 -18.61 -21.35
N THR A 32 8.26 -18.87 -20.04
CA THR A 32 9.55 -18.96 -19.36
C THR A 32 9.74 -20.24 -18.56
N GLY A 33 8.69 -21.00 -18.26
CA GLY A 33 8.82 -22.13 -17.36
C GLY A 33 8.93 -21.77 -15.90
N ILE A 34 8.67 -20.52 -15.54
CA ILE A 34 8.77 -20.04 -14.16
C ILE A 34 7.37 -19.92 -13.59
N LYS A 35 7.13 -20.59 -12.47
CA LYS A 35 5.83 -20.53 -11.82
C LYS A 35 5.65 -19.21 -11.09
N VAL A 36 4.46 -18.61 -11.26
CA VAL A 36 4.09 -17.37 -10.59
C VAL A 36 2.88 -17.65 -9.70
N THR A 37 3.00 -17.30 -8.42
CA THR A 37 1.95 -17.54 -7.44
C THR A 37 1.47 -16.19 -6.89
N VAL A 38 0.17 -15.93 -7.01
CA VAL A 38 -0.44 -14.69 -6.55
C VAL A 38 -1.26 -15.00 -5.30
N GLU A 39 -0.96 -14.30 -4.21
CA GLU A 39 -1.66 -14.46 -2.95
C GLU A 39 -2.25 -13.13 -2.50
N HIS A 40 -3.30 -13.22 -1.69
CA HIS A 40 -4.01 -12.04 -1.19
C HIS A 40 -4.27 -12.21 0.30
N PRO A 41 -3.28 -11.92 1.14
CA PRO A 41 -3.47 -12.05 2.59
C PRO A 41 -4.30 -10.90 3.15
N ASP A 42 -4.91 -11.18 4.30
CA ASP A 42 -5.60 -10.13 5.04
C ASP A 42 -4.58 -9.20 5.70
N LYS A 43 -4.97 -7.93 5.86
CA LYS A 43 -4.10 -6.89 6.40
C LYS A 43 -2.75 -6.89 5.69
N LEU A 44 -2.82 -6.91 4.36
CA LEU A 44 -1.63 -7.08 3.52
C LEU A 44 -0.60 -5.99 3.79
N GLU A 45 -1.04 -4.73 3.86
CA GLU A 45 -0.11 -3.63 4.04
C GLU A 45 0.59 -3.68 5.40
N GLU A 46 0.07 -4.50 6.33
CA GLU A 46 0.74 -4.71 7.60
C GLU A 46 1.53 -6.00 7.66
N LYS A 47 1.11 -7.04 6.93
CA LYS A 47 1.83 -8.31 6.96
C LYS A 47 3.17 -8.21 6.24
N PHE A 48 3.21 -7.48 5.12
CA PHE A 48 4.46 -7.40 4.35
C PHE A 48 5.62 -6.81 5.15
N PRO A 49 5.51 -5.64 5.78
CA PRO A 49 6.67 -5.12 6.53
C PRO A 49 7.06 -5.99 7.71
N GLN A 50 6.16 -6.85 8.19
CA GLN A 50 6.49 -7.73 9.31
C GLN A 50 7.28 -8.95 8.86
N VAL A 51 6.91 -9.55 7.74
CA VAL A 51 7.62 -10.75 7.27
C VAL A 51 8.87 -10.38 6.50
N ALA A 52 8.83 -9.31 5.70
CA ALA A 52 10.01 -8.88 4.96
C ALA A 52 11.08 -8.29 5.86
N ALA A 53 10.75 -7.96 7.11
CA ALA A 53 11.75 -7.45 8.03
C ALA A 53 12.81 -8.49 8.35
N THR A 54 12.46 -9.78 8.23
CA THR A 54 13.41 -10.87 8.41
C THR A 54 13.85 -11.48 7.09
N GLY A 55 13.53 -10.84 5.96
CA GLY A 55 13.90 -11.39 4.67
C GLY A 55 12.94 -12.43 4.13
N ASP A 56 11.68 -12.37 4.55
CA ASP A 56 10.65 -13.31 4.10
C ASP A 56 9.64 -12.59 3.22
N GLY A 57 8.62 -13.33 2.80
CA GLY A 57 7.51 -12.76 2.07
C GLY A 57 7.60 -12.97 0.58
N PRO A 58 6.85 -12.17 -0.17
CA PRO A 58 6.80 -12.35 -1.63
C PRO A 58 7.95 -11.66 -2.33
N ASP A 59 8.16 -12.05 -3.58
CA ASP A 59 9.10 -11.35 -4.44
C ASP A 59 8.56 -9.98 -4.83
N ILE A 60 7.26 -9.89 -5.10
CA ILE A 60 6.62 -8.67 -5.57
C ILE A 60 5.47 -8.34 -4.63
N ILE A 61 5.39 -7.09 -4.20
CA ILE A 61 4.33 -6.61 -3.31
C ILE A 61 3.55 -5.54 -4.04
N PHE A 62 2.23 -5.69 -4.08
CA PHE A 62 1.34 -4.72 -4.69
C PHE A 62 0.62 -3.92 -3.60
N TRP A 63 0.63 -2.60 -3.73
CA TRP A 63 -0.15 -1.72 -2.88
C TRP A 63 -0.07 -0.31 -3.45
N ALA A 64 -0.98 0.55 -3.00
CA ALA A 64 -0.88 1.97 -3.30
C ALA A 64 0.46 2.51 -2.81
N HIS A 65 0.95 3.55 -3.50
CA HIS A 65 2.30 4.04 -3.30
C HIS A 65 2.54 4.65 -1.92
N ASP A 66 1.48 4.95 -1.15
CA ASP A 66 1.68 5.69 0.09
C ASP A 66 2.40 4.87 1.16
N ARG A 67 2.38 3.54 1.06
CA ARG A 67 3.07 2.68 2.02
C ARG A 67 4.52 2.43 1.66
N PHE A 68 4.92 2.70 0.42
CA PHE A 68 6.20 2.19 -0.07
C PHE A 68 7.40 2.95 0.48
N GLY A 69 7.23 4.21 0.87
CA GLY A 69 8.35 4.94 1.46
C GLY A 69 8.77 4.35 2.79
N GLY A 70 7.81 3.99 3.63
CA GLY A 70 8.14 3.30 4.87
C GLY A 70 8.78 1.95 4.62
N TYR A 71 8.32 1.24 3.59
CA TYR A 71 8.98 -0.01 3.21
C TYR A 71 10.40 0.24 2.74
N ALA A 72 10.61 1.29 1.95
CA ALA A 72 11.95 1.61 1.47
C ALA A 72 12.84 2.14 2.58
N GLN A 73 12.27 2.89 3.52
CA GLN A 73 13.08 3.40 4.63
C GLN A 73 13.60 2.25 5.49
N SER A 74 12.79 1.22 5.68
CA SER A 74 13.20 0.04 6.45
C SER A 74 14.02 -0.94 5.63
N GLY A 75 14.48 -0.56 4.44
CA GLY A 75 15.31 -1.43 3.63
C GLY A 75 14.62 -2.68 3.13
N LEU A 76 13.32 -2.60 2.83
CA LEU A 76 12.54 -3.76 2.44
C LEU A 76 12.35 -3.89 0.93
N LEU A 77 12.65 -2.84 0.16
CA LEU A 77 12.45 -2.85 -1.27
C LEU A 77 13.78 -2.64 -1.99
N ALA A 78 13.90 -3.24 -3.17
CA ALA A 78 15.06 -3.06 -4.02
C ALA A 78 14.87 -1.87 -4.94
N GLU A 79 15.97 -1.23 -5.31
CA GLU A 79 15.91 -0.08 -6.20
C GLU A 79 15.47 -0.51 -7.59
N ILE A 80 14.52 0.23 -8.16
CA ILE A 80 14.00 -0.06 -9.49
C ILE A 80 14.82 0.74 -10.50
N THR A 81 15.42 0.03 -11.46
CA THR A 81 16.28 0.64 -12.48
C THR A 81 15.75 0.28 -13.87
N PRO A 82 14.68 0.92 -14.31
CA PRO A 82 14.18 0.68 -15.67
C PRO A 82 14.88 1.55 -16.68
N ALA A 83 14.96 1.04 -17.91
CA ALA A 83 15.58 1.78 -18.99
C ALA A 83 14.75 3.01 -19.35
N ALA A 84 15.41 3.97 -20.02
CA ALA A 84 14.71 5.17 -20.45
C ALA A 84 13.58 4.83 -21.41
N ALA A 85 13.78 3.82 -22.26
CA ALA A 85 12.73 3.39 -23.19
C ALA A 85 11.51 2.84 -22.47
N PHE A 86 11.67 2.38 -21.22
CA PHE A 86 10.51 1.91 -20.47
C PHE A 86 9.92 2.99 -19.57
N GLN A 87 10.75 3.92 -19.07
CA GLN A 87 10.22 5.02 -18.28
C GLN A 87 9.32 5.92 -19.13
N ASP A 88 9.58 6.00 -20.44
CA ASP A 88 8.74 6.78 -21.33
C ASP A 88 7.42 6.09 -21.66
N LYS A 89 7.23 4.84 -21.24
CA LYS A 89 5.95 4.17 -21.44
C LYS A 89 4.91 4.59 -20.42
N LEU A 90 5.32 5.07 -19.25
CA LEU A 90 4.41 5.44 -18.18
C LEU A 90 4.44 6.95 -17.97
N TYR A 91 3.31 7.50 -17.53
CA TYR A 91 3.21 8.93 -17.30
C TYR A 91 4.15 9.34 -16.18
N PRO A 92 4.78 10.52 -16.28
CA PRO A 92 5.79 10.91 -15.28
C PRO A 92 5.23 11.07 -13.88
N PHE A 93 3.99 11.54 -13.74
CA PHE A 93 3.44 11.74 -12.40
C PHE A 93 3.24 10.41 -11.68
N THR A 94 3.06 9.32 -12.42
CA THR A 94 3.03 8.00 -11.80
C THR A 94 4.41 7.60 -11.30
N TRP A 95 5.46 7.93 -12.08
CA TRP A 95 6.82 7.68 -11.61
C TRP A 95 7.15 8.51 -10.38
N ASP A 96 6.60 9.73 -10.30
CA ASP A 96 6.85 10.58 -9.14
C ASP A 96 6.29 9.97 -7.86
N ALA A 97 5.13 9.32 -7.96
CA ALA A 97 4.50 8.74 -6.78
C ALA A 97 5.31 7.59 -6.19
N VAL A 98 6.16 6.94 -6.98
CA VAL A 98 6.97 5.82 -6.53
C VAL A 98 8.44 6.19 -6.39
N ARG A 99 8.80 7.45 -6.61
CA ARG A 99 10.16 7.91 -6.38
C ARG A 99 10.31 8.33 -4.93
N TYR A 100 11.32 7.78 -4.25
CA TYR A 100 11.55 8.06 -2.84
C TYR A 100 13.04 8.24 -2.61
N ASN A 101 13.41 9.36 -1.99
CA ASN A 101 14.80 9.73 -1.74
C ASN A 101 15.61 9.76 -3.04
N GLY A 102 14.94 9.99 -4.17
CA GLY A 102 15.58 10.08 -5.46
C GLY A 102 15.55 8.79 -6.27
N LYS A 103 15.26 7.66 -5.63
CA LYS A 103 15.31 6.36 -6.29
C LYS A 103 13.90 5.82 -6.51
N LEU A 104 13.68 5.22 -7.68
CA LEU A 104 12.43 4.52 -7.93
C LEU A 104 12.38 3.24 -7.12
N ILE A 105 11.30 3.04 -6.37
CA ILE A 105 11.16 1.90 -5.47
C ILE A 105 10.00 1.00 -5.84
N ALA A 106 9.32 1.28 -6.96
CA ALA A 106 8.23 0.44 -7.42
C ALA A 106 7.91 0.79 -8.87
N TYR A 107 7.17 -0.11 -9.52
CA TYR A 107 6.61 0.16 -10.84
C TYR A 107 5.18 0.64 -10.70
N PRO A 108 4.83 1.80 -11.25
CA PRO A 108 3.43 2.24 -11.20
C PRO A 108 2.55 1.39 -12.09
N ILE A 109 1.31 1.14 -11.64
CA ILE A 109 0.39 0.31 -12.38
C ILE A 109 -0.82 1.12 -12.83
N ALA A 110 -1.54 1.69 -11.86
CA ALA A 110 -2.77 2.42 -12.16
C ALA A 110 -2.99 3.49 -11.10
N VAL A 111 -3.80 4.47 -11.46
CA VAL A 111 -4.11 5.61 -10.59
C VAL A 111 -5.54 5.45 -10.09
N GLU A 112 -5.70 5.49 -8.77
CA GLU A 112 -6.97 5.22 -8.11
C GLU A 112 -7.49 6.46 -7.42
N ALA A 113 -8.76 6.78 -7.65
CA ALA A 113 -9.43 7.88 -6.98
C ALA A 113 -10.86 7.48 -6.68
N LEU A 114 -11.35 7.88 -5.52
CA LEU A 114 -12.73 7.59 -5.15
C LEU A 114 -13.68 8.47 -5.97
N SER A 115 -14.78 7.87 -6.41
CA SER A 115 -15.83 8.58 -7.12
C SER A 115 -17.16 8.33 -6.45
N LEU A 116 -18.15 9.15 -6.79
CA LEU A 116 -19.51 8.94 -6.33
C LEU A 116 -20.20 7.98 -7.29
N ILE A 117 -20.61 6.83 -6.80
CA ILE A 117 -21.38 5.86 -7.55
C ILE A 117 -22.83 5.98 -7.11
N TYR A 118 -23.74 5.99 -8.09
CA TYR A 118 -25.16 6.20 -7.79
C TYR A 118 -26.00 5.32 -8.71
N ASN A 119 -27.19 4.97 -8.22
CA ASN A 119 -28.16 4.21 -8.99
C ASN A 119 -28.98 5.21 -9.81
N LYS A 120 -28.84 5.15 -11.13
CA LYS A 120 -29.54 6.10 -11.99
C LYS A 120 -31.05 5.91 -11.95
N ASP A 121 -31.51 4.69 -11.63
CA ASP A 121 -32.94 4.44 -11.55
C ASP A 121 -33.55 5.08 -10.31
N LEU A 122 -32.86 4.98 -9.17
CA LEU A 122 -33.35 5.62 -7.95
C LEU A 122 -33.09 7.12 -7.96
N LEU A 123 -31.92 7.52 -8.48
CA LEU A 123 -31.51 8.92 -8.51
C LEU A 123 -31.13 9.29 -9.94
N PRO A 124 -32.09 9.80 -10.73
CA PRO A 124 -31.72 10.28 -12.07
C PRO A 124 -30.72 11.41 -12.03
N ASN A 125 -30.84 12.31 -11.06
CA ASN A 125 -29.90 13.43 -10.88
C ASN A 125 -29.23 13.29 -9.52
N PRO A 126 -27.98 12.84 -9.46
CA PRO A 126 -27.31 12.71 -8.17
C PRO A 126 -27.03 14.07 -7.57
N PRO A 127 -26.91 14.16 -6.25
CA PRO A 127 -26.69 15.47 -5.61
C PRO A 127 -25.31 16.04 -5.97
N LYS A 128 -25.28 17.34 -6.19
CA LYS A 128 -24.02 18.03 -6.44
C LYS A 128 -23.30 18.41 -5.15
N THR A 129 -24.02 18.47 -4.03
CA THR A 129 -23.45 18.90 -2.77
C THR A 129 -23.71 17.85 -1.69
N TRP A 130 -22.87 17.87 -0.65
CA TRP A 130 -23.11 17.03 0.51
C TRP A 130 -24.35 17.47 1.28
N GLU A 131 -24.70 18.75 1.18
CA GLU A 131 -25.73 19.33 2.05
C GLU A 131 -27.11 18.80 1.73
N GLU A 132 -27.37 18.40 0.49
CA GLU A 132 -28.70 17.99 0.07
C GLU A 132 -28.95 16.49 0.25
N ILE A 133 -28.01 15.77 0.84
CA ILE A 133 -28.14 14.33 1.05
C ILE A 133 -29.13 14.02 2.17
N PRO A 134 -29.11 14.72 3.32
CA PRO A 134 -30.14 14.45 4.35
C PRO A 134 -31.56 14.50 3.83
N ALA A 135 -31.91 15.52 3.03
CA ALA A 135 -33.25 15.59 2.47
C ALA A 135 -33.47 14.49 1.44
N LEU A 136 -32.43 14.13 0.70
CA LEU A 136 -32.54 13.01 -0.24
C LEU A 136 -32.77 11.70 0.49
N ASP A 137 -32.22 11.55 1.69
CA ASP A 137 -32.37 10.30 2.44
C ASP A 137 -33.77 10.18 3.01
N LYS A 138 -34.28 11.26 3.64
CA LYS A 138 -35.65 11.21 4.16
C LYS A 138 -36.66 11.05 3.04
N GLU A 139 -36.32 11.50 1.83
CA GLU A 139 -37.18 11.24 0.69
C GLU A 139 -37.11 9.79 0.26
N LEU A 140 -35.92 9.19 0.34
CA LEU A 140 -35.75 7.79 -0.08
C LEU A 140 -36.11 6.82 1.02
N LYS A 141 -35.94 7.21 2.29
CA LYS A 141 -36.34 6.33 3.39
C LYS A 141 -37.85 6.19 3.50
N ALA A 142 -38.60 7.14 2.94
CA ALA A 142 -40.06 7.02 2.92
C ALA A 142 -40.52 5.87 2.05
N LYS A 143 -39.74 5.53 1.02
CA LYS A 143 -39.99 4.35 0.19
C LYS A 143 -39.08 3.19 0.55
N GLY A 144 -38.55 3.17 1.78
CA GLY A 144 -37.76 2.06 2.27
C GLY A 144 -36.31 2.06 1.89
N LYS A 145 -35.90 2.81 0.88
CA LYS A 145 -34.52 2.84 0.43
C LYS A 145 -33.71 3.77 1.32
N SER A 146 -32.47 4.05 0.91
CA SER A 146 -31.62 4.99 1.62
C SER A 146 -30.76 5.72 0.60
N ALA A 147 -30.20 6.85 1.00
CA ALA A 147 -29.50 7.72 0.06
C ALA A 147 -28.08 7.24 -0.22
N LEU A 148 -27.27 7.10 0.83
CA LEU A 148 -25.84 6.89 0.66
C LEU A 148 -25.32 5.92 1.70
N MET A 149 -24.54 4.93 1.26
CA MET A 149 -23.84 4.01 2.14
C MET A 149 -22.44 3.81 1.59
N PHE A 150 -21.43 4.12 2.41
CA PHE A 150 -20.05 3.85 2.06
C PHE A 150 -19.27 3.48 3.31
N ASN A 151 -18.09 2.92 3.08
CA ASN A 151 -17.30 2.35 4.17
C ASN A 151 -16.83 3.45 5.12
N LEU A 152 -17.25 3.35 6.38
CA LEU A 152 -16.87 4.30 7.41
C LEU A 152 -15.75 3.79 8.30
N GLN A 153 -15.29 2.56 8.11
CA GLN A 153 -14.27 1.99 8.97
C GLN A 153 -12.86 2.28 8.50
N GLU A 154 -12.67 2.63 7.23
CA GLU A 154 -11.36 3.00 6.71
C GLU A 154 -11.36 4.49 6.40
N PRO A 155 -10.42 5.27 6.96
CA PRO A 155 -10.45 6.73 6.75
C PRO A 155 -10.21 7.14 5.31
N TYR A 156 -9.78 6.20 4.45
CA TYR A 156 -9.62 6.48 3.03
C TYR A 156 -10.91 6.99 2.41
N PHE A 157 -12.06 6.51 2.87
CA PHE A 157 -13.34 6.82 2.25
C PHE A 157 -13.97 8.10 2.79
N THR A 158 -13.71 8.45 4.05
CA THR A 158 -14.23 9.69 4.62
C THR A 158 -13.23 10.84 4.52
N TRP A 159 -12.02 10.57 4.06
CA TRP A 159 -11.04 11.65 3.89
C TRP A 159 -11.46 12.71 2.87
N PRO A 160 -12.11 12.38 1.74
CA PRO A 160 -12.52 13.46 0.81
C PRO A 160 -13.37 14.53 1.47
N LEU A 161 -14.31 14.14 2.34
CA LEU A 161 -15.11 15.13 3.04
C LEU A 161 -14.28 15.90 4.06
N ILE A 162 -13.33 15.22 4.71
CA ILE A 162 -12.52 15.88 5.74
C ILE A 162 -11.61 16.92 5.12
N ALA A 163 -11.04 16.62 3.95
CA ALA A 163 -10.11 17.54 3.29
C ALA A 163 -10.80 18.63 2.48
N ALA A 164 -12.11 18.51 2.26
CA ALA A 164 -12.79 19.37 1.30
C ALA A 164 -12.67 20.85 1.65
N ASP A 165 -12.73 21.17 2.94
CA ASP A 165 -12.73 22.56 3.39
C ASP A 165 -11.49 22.93 4.19
N GLY A 166 -10.41 22.17 4.06
CA GLY A 166 -9.15 22.59 4.66
C GLY A 166 -8.30 21.52 5.31
N GLY A 167 -8.82 20.31 5.46
CA GLY A 167 -8.06 19.25 6.12
C GLY A 167 -6.94 18.74 5.22
N TYR A 168 -5.79 18.44 5.84
CA TYR A 168 -4.66 17.92 5.10
C TYR A 168 -3.78 17.09 6.04
N ALA A 169 -2.92 16.27 5.45
CA ALA A 169 -2.04 15.39 6.21
C ALA A 169 -0.77 16.12 6.63
N PHE A 170 0.13 16.37 5.68
CA PHE A 170 1.36 17.10 5.91
C PHE A 170 1.49 18.18 4.85
N LYS A 171 1.90 19.38 5.27
CA LYS A 171 2.02 20.48 4.32
C LYS A 171 3.26 20.29 3.45
N TYR A 172 3.13 20.65 2.17
CA TYR A 172 4.23 20.54 1.21
C TYR A 172 4.92 21.90 1.10
N GLU A 173 6.21 21.94 1.44
CA GLU A 173 6.97 23.19 1.41
C GLU A 173 8.36 22.90 0.86
N ASN A 174 8.69 23.51 -0.28
CA ASN A 174 9.99 23.39 -0.94
C ASN A 174 10.38 21.93 -1.15
N GLY A 175 9.51 21.21 -1.86
CA GLY A 175 9.79 19.82 -2.20
C GLY A 175 9.98 18.90 -1.03
N LYS A 176 9.44 19.25 0.14
CA LYS A 176 9.60 18.46 1.35
C LYS A 176 8.32 18.52 2.16
N TYR A 177 7.72 17.36 2.40
CA TYR A 177 6.51 17.30 3.20
C TYR A 177 6.83 17.68 4.64
N ASP A 178 6.14 18.70 5.16
CA ASP A 178 6.40 19.21 6.50
C ASP A 178 5.80 18.23 7.51
N ILE A 179 6.66 17.44 8.15
CA ILE A 179 6.20 16.55 9.22
C ILE A 179 5.67 17.37 10.39
N LYS A 180 6.18 18.59 10.56
CA LYS A 180 5.80 19.44 11.69
C LYS A 180 4.41 20.03 11.52
N ASP A 181 3.98 20.31 10.29
CA ASP A 181 2.70 20.95 10.01
C ASP A 181 1.70 19.87 9.57
N VAL A 182 0.83 19.48 10.50
CA VAL A 182 -0.22 18.52 10.23
C VAL A 182 -1.57 19.23 10.34
N GLY A 183 -2.42 19.07 9.33
CA GLY A 183 -3.70 19.73 9.31
C GLY A 183 -4.86 18.80 9.60
N VAL A 184 -4.69 17.92 10.59
CA VAL A 184 -5.71 16.93 10.90
C VAL A 184 -6.83 17.52 11.77
N ASP A 185 -6.50 18.47 12.65
CA ASP A 185 -7.46 19.01 13.60
C ASP A 185 -7.78 20.49 13.36
N ASN A 186 -7.66 20.95 12.11
CA ASN A 186 -7.99 22.34 11.82
C ASN A 186 -9.50 22.47 11.59
N ALA A 187 -9.94 23.72 11.39
CA ALA A 187 -11.37 24.00 11.28
C ALA A 187 -11.99 23.33 10.07
N GLY A 188 -11.26 23.24 8.97
CA GLY A 188 -11.80 22.59 7.79
C GLY A 188 -12.04 21.10 7.99
N ALA A 189 -11.09 20.43 8.66
CA ALA A 189 -11.29 19.02 8.98
C ALA A 189 -12.34 18.84 10.06
N LYS A 190 -12.44 19.80 10.99
CA LYS A 190 -13.45 19.70 12.04
C LYS A 190 -14.86 19.79 11.46
N ALA A 191 -15.08 20.70 10.51
CA ALA A 191 -16.40 20.82 9.91
C ALA A 191 -16.73 19.64 9.00
N GLY A 192 -15.71 19.01 8.42
CA GLY A 192 -15.95 17.86 7.56
C GLY A 192 -16.38 16.64 8.34
N LEU A 193 -15.61 16.30 9.39
CA LEU A 193 -15.97 15.14 10.22
C LEU A 193 -17.26 15.40 10.99
N THR A 194 -17.53 16.66 11.33
CA THR A 194 -18.79 16.98 12.00
C THR A 194 -19.99 16.68 11.11
N PHE A 195 -19.88 16.99 9.81
CA PHE A 195 -20.98 16.72 8.90
C PHE A 195 -21.23 15.23 8.78
N LEU A 196 -20.17 14.41 8.78
CA LEU A 196 -20.36 12.96 8.77
C LEU A 196 -20.98 12.48 10.08
N VAL A 197 -20.51 12.99 11.21
CA VAL A 197 -21.06 12.59 12.49
C VAL A 197 -22.51 13.05 12.62
N ASP A 198 -22.81 14.27 12.17
CA ASP A 198 -24.18 14.77 12.23
C ASP A 198 -25.12 13.90 11.43
N LEU A 199 -24.66 13.39 10.28
CA LEU A 199 -25.54 12.54 9.47
C LEU A 199 -25.71 11.16 10.08
N ILE A 200 -24.84 10.76 11.00
CA ILE A 200 -25.08 9.55 11.78
C ILE A 200 -26.04 9.85 12.93
N LYS A 201 -25.89 11.00 13.57
CA LYS A 201 -26.80 11.38 14.65
C LYS A 201 -28.23 11.54 14.15
N ASN A 202 -28.40 11.95 12.90
CA ASN A 202 -29.72 12.05 12.29
C ASN A 202 -30.15 10.77 11.61
N LYS A 203 -29.40 9.68 11.79
CA LYS A 203 -29.76 8.35 11.29
C LYS A 203 -29.84 8.32 9.78
N HIS A 204 -29.04 9.14 9.10
CA HIS A 204 -28.89 9.04 7.65
C HIS A 204 -27.82 8.03 7.25
N MET A 205 -26.92 7.68 8.17
CA MET A 205 -25.99 6.58 7.99
C MET A 205 -25.78 5.90 9.34
N ASN A 206 -25.37 4.65 9.29
CA ASN A 206 -25.03 3.89 10.49
C ASN A 206 -23.52 3.92 10.70
N ALA A 207 -23.10 4.03 11.95
CA ALA A 207 -21.68 4.17 12.26
C ALA A 207 -20.89 2.90 11.95
N ASP A 208 -21.55 1.76 11.85
CA ASP A 208 -20.86 0.48 11.68
C ASP A 208 -20.86 -0.03 10.25
N THR A 209 -21.47 0.70 9.32
CA THR A 209 -21.45 0.29 7.92
C THR A 209 -20.01 0.19 7.44
N ASP A 210 -19.67 -0.95 6.84
CA ASP A 210 -18.31 -1.19 6.37
C ASP A 210 -18.28 -1.38 4.86
N TYR A 211 -17.25 -2.06 4.35
CA TYR A 211 -17.14 -2.25 2.91
C TYR A 211 -18.18 -3.24 2.40
N SER A 212 -18.31 -4.38 3.07
CA SER A 212 -19.24 -5.42 2.61
C SER A 212 -20.68 -4.92 2.65
N ILE A 213 -21.07 -4.31 3.77
CA ILE A 213 -22.45 -3.83 3.91
C ILE A 213 -22.76 -2.78 2.86
N ALA A 214 -21.86 -1.82 2.67
CA ALA A 214 -22.11 -0.74 1.72
C ALA A 214 -22.15 -1.25 0.30
N GLU A 215 -21.25 -2.18 -0.06
CA GLU A 215 -21.21 -2.69 -1.43
C GLU A 215 -22.45 -3.53 -1.73
N ALA A 216 -22.81 -4.42 -0.81
CA ALA A 216 -23.98 -5.28 -1.03
C ALA A 216 -25.26 -4.45 -1.09
N ALA A 217 -25.38 -3.46 -0.21
CA ALA A 217 -26.58 -2.62 -0.21
C ALA A 217 -26.76 -1.91 -1.54
N PHE A 218 -25.66 -1.45 -2.15
CA PHE A 218 -25.76 -0.79 -3.44
C PHE A 218 -26.06 -1.78 -4.54
N ASN A 219 -25.33 -2.91 -4.57
CA ASN A 219 -25.54 -3.92 -5.59
C ASN A 219 -26.90 -4.59 -5.48
N LYS A 220 -27.54 -4.53 -4.30
CA LYS A 220 -28.89 -5.04 -4.14
C LYS A 220 -29.95 -3.95 -4.27
N GLY A 221 -29.56 -2.75 -4.68
CA GLY A 221 -30.51 -1.67 -4.86
C GLY A 221 -31.09 -1.11 -3.58
N GLU A 222 -30.45 -1.35 -2.43
CA GLU A 222 -30.96 -0.88 -1.16
C GLU A 222 -30.58 0.56 -0.86
N THR A 223 -29.49 1.06 -1.45
CA THR A 223 -29.09 2.45 -1.29
C THR A 223 -28.91 3.09 -2.66
N ALA A 224 -29.18 4.39 -2.73
CA ALA A 224 -29.14 5.09 -4.00
C ALA A 224 -27.73 5.50 -4.41
N MET A 225 -26.80 5.60 -3.46
CA MET A 225 -25.44 6.04 -3.76
C MET A 225 -24.45 5.29 -2.90
N THR A 226 -23.21 5.28 -3.37
CA THR A 226 -22.08 4.76 -2.60
C THR A 226 -20.82 5.50 -3.06
N ILE A 227 -19.74 5.32 -2.30
CA ILE A 227 -18.46 5.95 -2.60
C ILE A 227 -17.41 4.85 -2.63
N ASN A 228 -16.78 4.66 -3.79
CA ASN A 228 -15.83 3.56 -3.95
C ASN A 228 -14.95 3.83 -5.17
N GLY A 229 -14.05 2.89 -5.44
CA GLY A 229 -13.09 3.03 -6.52
C GLY A 229 -13.41 2.14 -7.70
N PRO A 230 -12.54 2.16 -8.72
CA PRO A 230 -12.85 1.43 -9.97
C PRO A 230 -12.92 -0.08 -9.80
N TRP A 231 -12.19 -0.63 -8.82
CA TRP A 231 -12.21 -2.09 -8.61
C TRP A 231 -13.59 -2.61 -8.29
N ALA A 232 -14.51 -1.74 -7.85
CA ALA A 232 -15.86 -2.16 -7.49
C ALA A 232 -16.82 -2.19 -8.68
N TRP A 233 -16.39 -1.73 -9.84
CA TRP A 233 -17.31 -1.58 -10.96
C TRP A 233 -17.82 -2.93 -11.46
N SER A 234 -16.95 -3.93 -11.55
CA SER A 234 -17.36 -5.20 -12.14
C SER A 234 -18.33 -5.96 -11.25
N ASN A 235 -18.25 -5.79 -9.93
CA ASN A 235 -19.28 -6.36 -9.06
C ASN A 235 -20.62 -5.67 -9.26
N ILE A 236 -20.60 -4.36 -9.53
CA ILE A 236 -21.84 -3.67 -9.84
C ILE A 236 -22.37 -4.09 -11.20
N ASP A 237 -21.48 -4.41 -12.14
CA ASP A 237 -21.91 -4.83 -13.47
C ASP A 237 -22.67 -6.16 -13.41
N THR A 238 -22.19 -7.11 -12.61
CA THR A 238 -22.89 -8.38 -12.45
C THR A 238 -24.16 -8.24 -11.64
N SER A 239 -24.35 -7.15 -10.91
CA SER A 239 -25.59 -6.90 -10.20
C SER A 239 -26.66 -6.26 -11.08
N ALA A 240 -26.31 -5.86 -12.30
CA ALA A 240 -27.23 -5.32 -13.30
C ALA A 240 -27.89 -4.03 -12.84
N VAL A 241 -27.36 -3.38 -11.80
CA VAL A 241 -27.87 -2.09 -11.38
C VAL A 241 -27.43 -1.03 -12.37
N ASN A 242 -28.39 -0.33 -12.97
CA ASN A 242 -28.06 0.77 -13.88
C ASN A 242 -27.42 1.89 -13.10
N TYR A 243 -26.09 1.90 -13.02
CA TYR A 243 -25.35 2.82 -12.18
C TYR A 243 -24.62 3.85 -13.02
N GLY A 244 -24.18 4.90 -12.33
CA GLY A 244 -23.35 5.92 -12.95
C GLY A 244 -22.21 6.29 -12.03
N VAL A 245 -21.11 6.72 -12.63
CA VAL A 245 -19.92 7.15 -11.91
C VAL A 245 -19.68 8.60 -12.25
N THR A 246 -19.78 9.47 -11.26
CA THR A 246 -19.73 10.91 -11.47
C THR A 246 -18.88 11.56 -10.40
N VAL A 247 -18.80 12.89 -10.46
CA VAL A 247 -17.97 13.65 -9.51
C VAL A 247 -18.53 13.50 -8.10
N LEU A 248 -17.64 13.57 -7.12
CA LEU A 248 -18.05 13.54 -5.74
C LEU A 248 -18.78 14.83 -5.38
N PRO A 249 -19.69 14.78 -4.40
CA PRO A 249 -20.44 15.98 -4.03
C PRO A 249 -19.54 17.03 -3.39
N THR A 250 -19.99 18.28 -3.47
CA THR A 250 -19.26 19.38 -2.86
C THR A 250 -19.67 19.56 -1.41
N PHE A 251 -18.77 20.14 -0.62
CA PHE A 251 -19.02 20.45 0.78
C PHE A 251 -18.64 21.91 1.02
N LYS A 252 -19.60 22.69 1.52
CA LYS A 252 -19.41 24.13 1.70
C LYS A 252 -18.98 24.79 0.39
N GLY A 253 -19.51 24.29 -0.72
CA GLY A 253 -19.15 24.79 -2.03
C GLY A 253 -17.80 24.38 -2.54
N GLN A 254 -17.01 23.67 -1.74
CA GLN A 254 -15.68 23.21 -2.10
C GLN A 254 -15.74 21.77 -2.60
N PRO A 255 -14.98 21.44 -3.65
CA PRO A 255 -14.95 20.04 -4.12
C PRO A 255 -14.27 19.16 -3.10
N SER A 256 -14.87 18.00 -2.82
CA SER A 256 -14.23 17.03 -1.93
C SER A 256 -12.96 16.51 -2.58
N LYS A 257 -11.89 16.42 -1.78
CA LYS A 257 -10.55 16.18 -2.28
C LYS A 257 -10.06 14.81 -1.84
N PRO A 258 -10.29 13.76 -2.63
CA PRO A 258 -9.84 12.43 -2.22
C PRO A 258 -8.33 12.29 -2.29
N PHE A 259 -7.80 11.38 -1.48
CA PHE A 259 -6.38 11.05 -1.51
C PHE A 259 -6.12 10.10 -2.67
N VAL A 260 -5.36 10.57 -3.65
CA VAL A 260 -5.11 9.80 -4.87
C VAL A 260 -4.05 8.75 -4.60
N GLY A 261 -4.34 7.50 -4.94
CA GLY A 261 -3.42 6.39 -4.78
C GLY A 261 -2.99 5.85 -6.13
N VAL A 262 -1.70 5.57 -6.26
CA VAL A 262 -1.15 4.93 -7.45
C VAL A 262 -0.78 3.50 -7.06
N LEU A 263 -1.55 2.55 -7.58
CA LEU A 263 -1.23 1.14 -7.34
C LEU A 263 0.14 0.81 -7.92
N SER A 264 1.00 0.22 -7.10
CA SER A 264 2.40 0.03 -7.47
C SER A 264 2.87 -1.36 -7.05
N ALA A 265 3.84 -1.87 -7.80
CA ALA A 265 4.41 -3.20 -7.58
C ALA A 265 5.86 -3.06 -7.16
N GLY A 266 6.13 -3.34 -5.88
CA GLY A 266 7.50 -3.31 -5.39
C GLY A 266 8.17 -4.66 -5.48
N ILE A 267 9.49 -4.65 -5.27
CA ILE A 267 10.31 -5.85 -5.34
C ILE A 267 11.04 -6.01 -4.01
N ASN A 268 10.93 -7.19 -3.42
CA ASN A 268 11.57 -7.45 -2.12
C ASN A 268 13.08 -7.33 -2.25
N ALA A 269 13.69 -6.65 -1.28
CA ALA A 269 15.14 -6.49 -1.27
C ALA A 269 15.86 -7.80 -0.94
N ALA A 270 15.16 -8.75 -0.32
CA ALA A 270 15.73 -10.05 0.02
C ALA A 270 15.36 -11.12 -0.99
N SER A 271 14.86 -10.75 -2.16
CA SER A 271 14.41 -11.70 -3.15
C SER A 271 15.56 -12.12 -4.06
N PRO A 272 15.78 -13.41 -4.28
CA PRO A 272 16.77 -13.86 -5.26
C PRO A 272 16.27 -13.87 -6.70
N ASN A 273 15.07 -13.35 -6.96
CA ASN A 273 14.46 -13.35 -8.27
C ASN A 273 14.17 -11.93 -8.75
N LYS A 274 15.08 -11.01 -8.46
CA LYS A 274 14.87 -9.61 -8.82
C LYS A 274 14.85 -9.42 -10.34
N GLU A 275 15.64 -10.20 -11.08
CA GLU A 275 15.64 -10.09 -12.52
C GLU A 275 14.37 -10.68 -13.13
N LEU A 276 13.87 -11.78 -12.56
CA LEU A 276 12.63 -12.36 -13.04
C LEU A 276 11.45 -11.42 -12.82
N ALA A 277 11.43 -10.73 -11.68
CA ALA A 277 10.33 -9.81 -11.39
C ALA A 277 10.35 -8.60 -12.31
N LYS A 278 11.53 -8.04 -12.56
CA LYS A 278 11.67 -6.97 -13.54
C LYS A 278 11.14 -7.40 -14.90
N GLU A 279 11.50 -8.60 -15.33
CA GLU A 279 10.99 -9.13 -16.60
C GLU A 279 9.47 -9.30 -16.55
N PHE A 280 8.95 -9.79 -15.43
CA PHE A 280 7.51 -10.00 -15.31
C PHE A 280 6.76 -8.67 -15.36
N LEU A 281 7.22 -7.67 -14.60
CA LEU A 281 6.49 -6.42 -14.50
C LEU A 281 6.62 -5.59 -15.78
N GLU A 282 7.82 -5.50 -16.34
CA GLU A 282 8.03 -4.61 -17.49
C GLU A 282 7.48 -5.21 -18.79
N ASN A 283 7.72 -6.51 -19.02
CA ASN A 283 7.44 -7.10 -20.33
C ASN A 283 6.14 -7.90 -20.38
N TYR A 284 5.50 -8.15 -19.25
CA TYR A 284 4.28 -8.95 -19.23
C TYR A 284 3.10 -8.22 -18.61
N LEU A 285 3.26 -7.66 -17.42
CA LEU A 285 2.15 -6.99 -16.76
C LEU A 285 1.94 -5.58 -17.31
N LEU A 286 3.01 -4.80 -17.42
CA LEU A 286 2.88 -3.44 -17.92
C LEU A 286 2.82 -3.43 -19.45
N THR A 287 1.88 -4.18 -19.99
CA THR A 287 1.59 -4.21 -21.42
C THR A 287 0.09 -4.01 -21.61
N ASP A 288 -0.31 -3.79 -22.86
CA ASP A 288 -1.74 -3.71 -23.16
C ASP A 288 -2.44 -5.01 -22.80
N GLU A 289 -1.83 -6.15 -23.12
CA GLU A 289 -2.43 -7.44 -22.84
C GLU A 289 -2.44 -7.72 -21.34
N GLY A 290 -1.36 -7.37 -20.64
CA GLY A 290 -1.30 -7.64 -19.21
C GLY A 290 -2.30 -6.81 -18.42
N LEU A 291 -2.41 -5.53 -18.74
CA LEU A 291 -3.37 -4.68 -18.03
C LEU A 291 -4.80 -5.02 -18.42
N GLU A 292 -5.02 -5.48 -19.65
CA GLU A 292 -6.37 -5.89 -20.06
C GLU A 292 -6.83 -7.12 -19.28
N ALA A 293 -5.91 -8.03 -18.96
CA ALA A 293 -6.29 -9.21 -18.19
C ALA A 293 -6.66 -8.84 -16.76
N VAL A 294 -5.92 -7.91 -16.15
CA VAL A 294 -6.26 -7.47 -14.81
C VAL A 294 -7.51 -6.61 -14.81
N ASN A 295 -7.61 -5.68 -15.75
CA ASN A 295 -8.73 -4.75 -15.79
C ASN A 295 -10.06 -5.47 -16.03
N LYS A 296 -10.05 -6.54 -16.83
CA LYS A 296 -11.28 -7.28 -17.08
C LYS A 296 -11.77 -7.99 -15.82
N ASP A 297 -10.86 -8.37 -14.92
CA ASP A 297 -11.23 -8.95 -13.64
C ASP A 297 -11.85 -7.87 -12.76
N LYS A 298 -11.02 -6.96 -12.26
CA LYS A 298 -11.48 -5.77 -11.57
C LYS A 298 -10.84 -4.56 -12.26
N PRO A 299 -11.62 -3.53 -12.59
CA PRO A 299 -11.04 -2.40 -13.33
C PRO A 299 -9.95 -1.70 -12.51
N LEU A 300 -8.92 -1.25 -13.22
CA LEU A 300 -7.77 -0.61 -12.57
C LEU A 300 -7.97 0.89 -12.37
N GLY A 301 -8.74 1.55 -13.24
CA GLY A 301 -8.87 2.98 -13.18
C GLY A 301 -8.11 3.65 -14.31
N ALA A 302 -7.27 4.64 -13.96
CA ALA A 302 -6.45 5.35 -14.94
C ALA A 302 -5.04 4.74 -14.90
N VAL A 303 -4.76 3.82 -15.82
CA VAL A 303 -3.52 3.06 -15.77
C VAL A 303 -2.33 3.96 -16.11
N ALA A 304 -1.16 3.59 -15.60
CA ALA A 304 0.05 4.36 -15.84
C ALA A 304 0.57 4.19 -17.26
N LEU A 305 0.31 3.05 -17.88
CA LEU A 305 0.81 2.79 -19.23
C LEU A 305 0.06 3.67 -20.23
N LYS A 306 0.81 4.48 -20.96
CA LYS A 306 0.20 5.45 -21.88
C LYS A 306 -0.59 4.74 -22.98
N SER A 307 -0.08 3.63 -23.49
CA SER A 307 -0.70 2.98 -24.63
C SER A 307 -2.10 2.46 -24.27
N TYR A 308 -2.21 1.74 -23.15
CA TYR A 308 -3.50 1.18 -22.76
C TYR A 308 -4.42 2.25 -22.17
N GLU A 309 -3.85 3.29 -21.56
CA GLU A 309 -4.67 4.40 -21.10
C GLU A 309 -5.37 5.10 -22.27
N GLU A 310 -4.72 5.11 -23.43
CA GLU A 310 -5.37 5.64 -24.63
C GLU A 310 -6.54 4.76 -25.05
N GLU A 311 -6.37 3.43 -25.01
CA GLU A 311 -7.48 2.54 -25.27
C GLU A 311 -8.58 2.71 -24.21
N LEU A 312 -8.20 3.09 -22.99
CA LEU A 312 -9.14 3.26 -21.90
C LEU A 312 -9.50 4.72 -21.65
N ALA A 313 -9.32 5.58 -22.65
CA ALA A 313 -9.69 6.98 -22.46
C ALA A 313 -11.19 7.22 -22.62
N LYS A 314 -11.88 6.40 -23.43
CA LYS A 314 -13.27 6.64 -23.80
C LYS A 314 -14.27 6.15 -22.76
N ASP A 315 -13.82 5.76 -21.55
CA ASP A 315 -14.75 5.29 -20.52
C ASP A 315 -15.25 6.45 -19.70
N PRO A 316 -16.55 6.72 -19.65
CA PRO A 316 -17.05 7.80 -18.79
C PRO A 316 -16.73 7.61 -17.33
N ARG A 317 -16.66 6.36 -16.85
CA ARG A 317 -16.32 6.10 -15.47
C ARG A 317 -14.85 6.41 -15.19
N ILE A 318 -13.98 6.21 -16.17
CA ILE A 318 -12.58 6.58 -16.00
C ILE A 318 -12.40 8.09 -16.08
N ALA A 319 -13.19 8.75 -16.94
CA ALA A 319 -13.17 10.21 -16.98
C ALA A 319 -13.61 10.79 -15.64
N ALA A 320 -14.65 10.21 -15.03
CA ALA A 320 -15.07 10.66 -13.72
C ALA A 320 -13.99 10.40 -12.67
N THR A 321 -13.26 9.29 -12.82
CA THR A 321 -12.18 8.98 -11.89
C THR A 321 -11.08 10.03 -11.96
N MET A 322 -10.66 10.40 -13.17
CA MET A 322 -9.62 11.41 -13.31
C MET A 322 -10.09 12.77 -12.83
N GLU A 323 -11.38 13.08 -12.99
CA GLU A 323 -11.91 14.35 -12.49
C GLU A 323 -11.79 14.42 -10.98
N ASN A 324 -12.19 13.37 -10.27
CA ASN A 324 -12.03 13.34 -8.82
C ASN A 324 -10.57 13.29 -8.42
N ALA A 325 -9.72 12.63 -9.23
CA ALA A 325 -8.29 12.64 -8.96
C ALA A 325 -7.71 14.04 -9.12
N GLN A 326 -8.09 14.73 -10.20
CA GLN A 326 -7.61 16.10 -10.40
C GLN A 326 -8.12 17.04 -9.31
N LYS A 327 -9.30 16.75 -8.75
CA LYS A 327 -9.78 17.56 -7.63
C LYS A 327 -9.11 17.16 -6.32
N GLY A 328 -8.63 15.91 -6.23
CA GLY A 328 -7.97 15.44 -5.03
C GLY A 328 -6.49 15.74 -5.03
N GLU A 329 -5.80 15.15 -4.06
CA GLU A 329 -4.37 15.35 -3.87
C GLU A 329 -3.66 14.00 -3.93
N ILE A 330 -2.47 14.00 -4.54
CA ILE A 330 -1.65 12.79 -4.58
C ILE A 330 -1.20 12.45 -3.16
N MET A 331 -1.22 11.16 -2.84
CA MET A 331 -0.83 10.75 -1.49
C MET A 331 0.67 10.89 -1.30
N PRO A 332 1.11 11.36 -0.15
CA PRO A 332 2.54 11.32 0.16
C PRO A 332 2.99 9.88 0.37
N ASN A 333 4.25 9.61 0.04
CA ASN A 333 4.81 8.28 0.25
C ASN A 333 5.78 8.24 1.43
N ILE A 334 5.86 9.30 2.23
CA ILE A 334 6.78 9.40 3.35
C ILE A 334 6.50 8.28 4.35
N PRO A 335 7.48 7.88 5.18
CA PRO A 335 7.22 6.79 6.14
C PRO A 335 6.15 7.11 7.16
N GLN A 336 5.93 8.39 7.46
CA GLN A 336 4.96 8.79 8.47
C GLN A 336 3.51 8.61 8.04
N MET A 337 3.26 8.21 6.80
CA MET A 337 1.88 7.99 6.35
C MET A 337 1.24 6.82 7.09
N SER A 338 2.04 5.84 7.53
CA SER A 338 1.51 4.74 8.31
C SER A 338 0.86 5.25 9.60
N ALA A 339 1.55 6.13 10.32
CA ALA A 339 1.01 6.67 11.55
C ALA A 339 -0.12 7.65 11.29
N PHE A 340 -0.10 8.32 10.13
CA PHE A 340 -1.18 9.24 9.78
C PHE A 340 -2.50 8.49 9.61
N TRP A 341 -2.49 7.42 8.81
CA TRP A 341 -3.71 6.64 8.60
C TRP A 341 -4.20 6.03 9.90
N TYR A 342 -3.27 5.59 10.76
CA TYR A 342 -3.65 5.03 12.04
C TYR A 342 -4.35 6.07 12.90
N ALA A 343 -3.82 7.29 12.94
CA ALA A 343 -4.40 8.33 13.78
C ALA A 343 -5.77 8.75 13.27
N VAL A 344 -5.93 8.88 11.94
CA VAL A 344 -7.20 9.34 11.39
C VAL A 344 -8.25 8.25 11.49
N ARG A 345 -7.85 6.98 11.31
CA ARG A 345 -8.80 5.89 11.45
C ARG A 345 -9.38 5.84 12.85
N THR A 346 -8.55 6.08 13.86
CA THR A 346 -9.04 6.09 15.23
C THR A 346 -9.98 7.27 15.49
N ALA A 347 -9.67 8.44 14.92
CA ALA A 347 -10.51 9.61 15.14
C ALA A 347 -11.87 9.44 14.49
N VAL A 348 -11.91 9.01 13.22
CA VAL A 348 -13.18 8.82 12.53
C VAL A 348 -14.03 7.78 13.25
N ILE A 349 -13.39 6.70 13.70
CA ILE A 349 -14.13 5.66 14.43
C ILE A 349 -14.60 6.20 15.78
N ASN A 350 -13.74 6.93 16.49
CA ASN A 350 -14.11 7.44 17.81
C ASN A 350 -15.05 8.63 17.74
N ALA A 351 -15.20 9.27 16.58
CA ALA A 351 -16.18 10.33 16.42
C ALA A 351 -17.50 9.81 15.88
N ALA A 352 -17.46 8.82 14.99
CA ALA A 352 -18.70 8.32 14.38
C ALA A 352 -19.48 7.46 15.36
N SER A 353 -18.80 6.62 16.15
CA SER A 353 -19.48 5.72 17.08
C SER A 353 -20.10 6.47 18.26
N GLY A 354 -19.80 7.74 18.44
CA GLY A 354 -20.25 8.50 19.59
C GLY A 354 -19.32 8.45 20.79
N ARG A 355 -18.09 7.98 20.61
CA ARG A 355 -17.17 7.73 21.72
C ARG A 355 -16.44 9.00 22.16
N GLN A 356 -15.93 9.77 21.19
CA GLN A 356 -15.30 11.06 21.45
C GLN A 356 -16.05 12.13 20.65
N THR A 357 -15.87 13.38 21.07
CA THR A 357 -16.34 14.48 20.25
C THR A 357 -15.45 14.64 19.04
N VAL A 358 -15.96 15.34 18.02
CA VAL A 358 -15.18 15.55 16.81
C VAL A 358 -13.89 16.28 17.12
N ASP A 359 -13.94 17.28 18.01
CA ASP A 359 -12.75 18.04 18.33
C ASP A 359 -11.76 17.23 19.17
N ALA A 360 -12.26 16.36 20.05
CA ALA A 360 -11.36 15.55 20.87
C ALA A 360 -10.72 14.44 20.05
N ALA A 361 -11.46 13.88 19.09
CA ALA A 361 -10.90 12.81 18.26
C ALA A 361 -9.84 13.35 17.31
N LEU A 362 -10.07 14.53 16.73
CA LEU A 362 -9.10 15.08 15.78
C LEU A 362 -7.87 15.61 16.48
N ALA A 363 -8.05 16.24 17.65
CA ALA A 363 -6.90 16.73 18.41
C ALA A 363 -5.99 15.58 18.82
N ALA A 364 -6.56 14.45 19.24
CA ALA A 364 -5.76 13.28 19.53
C ALA A 364 -5.11 12.71 18.27
N ALA A 365 -5.81 12.79 17.13
CA ALA A 365 -5.20 12.33 15.88
C ALA A 365 -4.10 13.27 15.42
N GLN A 366 -4.26 14.58 15.66
CA GLN A 366 -3.21 15.53 15.33
C GLN A 366 -1.92 15.22 16.07
N THR A 367 -2.03 14.77 17.32
CA THR A 367 -0.84 14.47 18.10
C THR A 367 -0.16 13.20 17.63
N ASN A 368 -0.94 12.16 17.31
CA ASN A 368 -0.40 10.84 17.01
C ASN A 368 0.12 10.69 15.59
N ALA A 369 0.18 11.77 14.81
CA ALA A 369 0.65 11.69 13.42
C ALA A 369 2.18 11.67 13.39
N ALA A 370 2.74 10.59 13.94
CA ALA A 370 4.18 10.41 13.99
C ALA A 370 4.49 8.94 14.20
N ALA A 371 5.35 8.37 13.36
CA ALA A 371 5.65 6.94 13.43
C ALA A 371 6.53 6.62 14.63
N MET A 372 6.24 5.50 15.29
CA MET A 372 6.88 5.15 16.55
C MET A 372 7.34 3.70 16.52
N SER A 373 8.66 3.51 16.39
CA SER A 373 9.33 2.23 16.64
C SER A 373 8.74 1.08 15.83
N ILE A 374 8.22 1.37 14.63
CA ILE A 374 7.72 0.32 13.75
C ILE A 374 8.83 -0.03 12.77
N SER A 375 10.07 0.21 13.18
CA SER A 375 11.34 -0.06 12.52
C SER A 375 11.90 -1.40 12.97
N PRO A 376 12.54 -2.15 12.06
CA PRO A 376 13.05 -3.47 12.42
C PRO A 376 14.15 -3.37 13.47
N SER A 377 14.27 -4.43 14.27
CA SER A 377 15.26 -4.49 15.33
C SER A 377 16.64 -4.84 14.75
N ALA A 378 17.66 -4.71 15.60
CA ALA A 378 19.01 -5.02 15.17
C ALA A 378 19.21 -6.51 14.91
N LEU A 379 18.32 -7.36 15.41
CA LEU A 379 18.37 -8.79 15.14
C LEU A 379 17.69 -9.17 13.84
N GLN A 380 16.78 -8.34 13.34
CA GLN A 380 16.03 -8.62 12.12
C GLN A 380 16.75 -8.15 10.86
N ASP A 381 17.43 -7.00 10.91
CA ASP A 381 18.19 -6.54 9.74
C ASP A 381 19.26 -7.56 9.36
N LEU A 382 20.01 -8.06 10.35
CA LEU A 382 21.00 -9.10 10.09
C LEU A 382 20.36 -10.31 9.44
N LEU A 383 19.29 -10.84 10.05
CA LEU A 383 18.57 -11.96 9.46
C LEU A 383 18.08 -11.63 8.05
N ARG A 384 17.60 -10.39 7.85
CA ARG A 384 17.11 -10.00 6.53
C ARG A 384 18.26 -9.86 5.54
N THR A 385 19.36 -9.23 5.96
CA THR A 385 20.50 -9.08 5.06
C THR A 385 21.19 -10.42 4.80
N LEU A 386 21.27 -11.28 5.82
CA LEU A 386 21.85 -12.60 5.62
C LEU A 386 20.97 -13.47 4.73
N LYS A 387 19.65 -13.26 4.77
CA LYS A 387 18.73 -14.00 3.91
C LYS A 387 18.55 -13.36 2.55
N SER A 388 19.39 -12.41 2.19
CA SER A 388 19.31 -11.69 0.92
C SER A 388 20.43 -12.14 -0.01
N PRO A 389 20.27 -11.96 -1.33
CA PRO A 389 21.31 -12.38 -2.27
C PRO A 389 22.65 -11.71 -1.98
N SER A 390 23.73 -12.45 -2.23
CA SER A 390 25.06 -12.01 -1.85
C SER A 390 25.59 -10.97 -2.83
N SER A 391 26.27 -9.97 -2.29
CA SER A 391 26.87 -8.88 -3.05
C SER A 391 27.83 -8.14 -2.13
N PRO A 392 28.79 -7.40 -2.70
CA PRO A 392 29.66 -6.58 -1.84
C PRO A 392 28.90 -5.55 -1.03
N GLN A 393 27.75 -5.08 -1.53
CA GLN A 393 26.93 -4.15 -0.77
C GLN A 393 26.14 -4.85 0.33
N GLN A 394 25.71 -6.10 0.07
CA GLN A 394 25.00 -6.85 1.10
C GLN A 394 25.96 -7.31 2.20
N GLN A 395 27.17 -7.74 1.82
CA GLN A 395 28.15 -8.15 2.82
C GLN A 395 28.59 -6.99 3.70
N GLN A 396 28.64 -5.78 3.14
CA GLN A 396 28.99 -4.61 3.94
C GLN A 396 27.85 -4.20 4.87
N GLN A 397 26.61 -4.47 4.47
CA GLN A 397 25.49 -4.25 5.38
C GLN A 397 25.61 -5.13 6.62
N VAL A 398 26.03 -6.39 6.43
CA VAL A 398 26.18 -7.30 7.57
C VAL A 398 27.23 -6.80 8.54
N LEU A 399 28.31 -6.22 8.01
CA LEU A 399 29.42 -5.80 8.86
C LEU A 399 29.06 -4.57 9.69
N ASN A 400 28.45 -3.56 9.06
CA ASN A 400 28.06 -2.37 9.81
C ASN A 400 26.99 -2.69 10.86
N ILE A 401 26.19 -3.73 10.63
CA ILE A 401 25.22 -4.16 11.62
C ILE A 401 25.94 -4.74 12.84
N LEU A 402 26.91 -5.64 12.60
CA LEU A 402 27.61 -6.28 13.70
C LEU A 402 28.49 -5.29 14.45
N LYS A 403 29.13 -4.36 13.73
CA LYS A 403 30.01 -3.38 14.38
C LYS A 403 29.25 -2.44 15.31
N SER A 404 27.95 -2.26 15.10
CA SER A 404 27.14 -1.42 15.97
C SER A 404 26.38 -2.22 17.03
N ASN A 405 26.42 -3.55 16.98
CA ASN A 405 25.73 -4.40 17.94
C ASN A 405 26.72 -5.44 18.46
N PRO A 406 27.27 -5.24 19.66
CA PRO A 406 28.34 -6.12 20.15
C PRO A 406 27.89 -7.56 20.39
N GLN A 407 26.78 -7.77 21.11
CA GLN A 407 26.37 -9.14 21.39
C GLN A 407 25.89 -9.88 20.15
N LEU A 408 25.52 -9.16 19.10
CA LEU A 408 25.35 -9.80 17.80
C LEU A 408 26.70 -10.04 17.14
N MET A 409 27.63 -9.10 17.27
CA MET A 409 29.00 -9.33 16.83
C MET A 409 29.63 -10.48 17.60
N ALA A 410 29.31 -10.60 18.90
CA ALA A 410 29.84 -11.71 19.68
C ALA A 410 29.26 -13.04 19.22
N ALA A 411 27.95 -13.09 18.97
CA ALA A 411 27.32 -14.32 18.51
C ALA A 411 27.85 -14.74 17.15
N PHE A 412 28.10 -13.78 16.26
CA PHE A 412 28.63 -14.11 14.95
C PHE A 412 30.05 -14.65 15.06
N ILE A 413 30.86 -14.07 15.95
CA ILE A 413 32.23 -14.54 16.11
C ILE A 413 32.26 -15.97 16.64
N LYS A 414 31.49 -16.24 17.70
CA LYS A 414 31.55 -17.56 18.32
C LYS A 414 30.98 -18.64 17.42
N GLN A 415 29.97 -18.32 16.61
CA GLN A 415 29.39 -19.34 15.73
C GLN A 415 30.25 -19.60 14.50
N ARG A 416 30.96 -18.58 14.01
CA ARG A 416 31.80 -18.75 12.84
C ARG A 416 33.20 -19.25 13.18
N THR A 417 33.74 -18.90 14.35
CA THR A 417 35.01 -19.47 14.77
C THR A 417 34.88 -20.97 15.00
N ALA A 418 33.73 -21.40 15.53
CA ALA A 418 33.48 -22.84 15.64
C ALA A 418 33.32 -23.50 14.28
N LYS A 419 32.75 -22.77 13.31
CA LYS A 419 32.68 -23.29 11.95
C LYS A 419 34.08 -23.36 11.33
N TYR A 420 34.91 -22.36 11.59
CA TYR A 420 36.24 -22.31 10.97
C TYR A 420 37.15 -23.44 11.43
N VAL A 421 36.89 -24.03 12.61
CA VAL A 421 37.67 -25.18 13.06
C VAL A 421 37.06 -26.50 12.61
N ALA A 422 35.82 -26.49 12.09
CA ALA A 422 35.25 -27.71 11.52
C ALA A 422 36.05 -28.14 10.29
N ASN A 423 36.30 -27.21 9.37
CA ASN A 423 37.26 -27.43 8.28
C ASN A 423 38.66 -26.98 8.67
N GLN A 424 39.07 -27.32 9.89
CA GLN A 424 40.38 -27.01 10.50
C GLN A 424 40.87 -25.56 10.37
N SER B 4 9.11 -12.97 23.38
CA SER B 4 9.95 -14.17 23.37
C SER B 4 10.41 -14.50 21.96
N ASP B 5 9.94 -13.72 20.98
CA ASP B 5 10.30 -13.98 19.58
C ASP B 5 11.75 -13.62 19.29
N GLU B 6 12.39 -12.82 20.14
CA GLU B 6 13.82 -12.54 19.96
C GLU B 6 14.64 -13.81 20.08
N ARG B 7 14.28 -14.68 21.01
CA ARG B 7 14.96 -15.97 21.11
C ARG B 7 14.62 -16.85 19.92
N ALA B 8 13.39 -16.80 19.43
CA ALA B 8 13.02 -17.55 18.25
C ALA B 8 13.82 -17.10 17.03
N LEU B 9 14.14 -15.81 16.95
CA LEU B 9 15.01 -15.34 15.88
C LEU B 9 16.48 -15.63 16.18
N LEU B 10 16.87 -15.60 17.45
CA LEU B 10 18.20 -16.07 17.82
C LEU B 10 18.36 -17.55 17.55
N ASP B 11 17.27 -18.32 17.63
CA ASP B 11 17.32 -19.72 17.23
C ASP B 11 17.49 -19.87 15.73
N GLN B 12 16.90 -18.95 14.95
CA GLN B 12 17.02 -19.02 13.50
C GLN B 12 18.35 -18.47 13.02
N LEU B 13 18.84 -17.40 13.65
CA LEU B 13 20.18 -16.90 13.32
C LEU B 13 21.24 -17.95 13.63
N HIS B 14 21.11 -18.61 14.78
CA HIS B 14 22.02 -19.68 15.16
C HIS B 14 22.09 -20.76 14.09
N THR B 15 20.93 -21.35 13.75
CA THR B 15 20.92 -22.52 12.86
C THR B 15 21.32 -22.21 11.40
N LEU B 17 23.82 -19.78 10.59
CA LEU B 17 25.27 -19.69 10.70
C LEU B 17 26.00 -21.01 10.90
N SER B 18 25.32 -22.00 11.48
CA SER B 18 25.94 -23.30 11.70
C SER B 18 25.79 -24.22 10.49
N ASN B 19 24.73 -24.08 9.71
CA ASN B 19 24.58 -24.93 8.55
C ASN B 19 25.08 -24.33 7.24
N THR B 20 25.01 -23.01 7.07
CA THR B 20 25.45 -22.38 5.83
C THR B 20 26.96 -22.20 5.81
N ASP B 21 27.53 -22.31 4.61
CA ASP B 21 28.96 -22.12 4.41
C ASP B 21 29.24 -21.38 3.11
N ALA B 22 28.33 -20.49 2.71
CA ALA B 22 28.48 -19.80 1.44
C ALA B 22 29.68 -18.86 1.46
N THR B 23 30.22 -18.59 0.26
CA THR B 23 31.41 -17.76 0.13
C THR B 23 31.15 -16.31 0.52
N GLY B 24 29.89 -15.88 0.54
CA GLY B 24 29.58 -14.56 1.07
C GLY B 24 29.98 -14.44 2.53
N LEU B 25 29.61 -15.43 3.34
CA LEU B 25 30.02 -15.44 4.73
C LEU B 25 31.52 -15.67 4.87
N GLU B 26 32.12 -16.38 3.93
CA GLU B 26 33.58 -16.53 3.93
C GLU B 26 34.26 -15.16 3.86
N GLU B 27 33.79 -14.30 2.97
CA GLU B 27 34.33 -12.95 2.89
C GLU B 27 34.13 -12.19 4.19
N ILE B 28 33.01 -12.44 4.88
CA ILE B 28 32.75 -11.77 6.16
C ILE B 28 33.66 -12.32 7.24
N ASP B 29 33.91 -13.64 7.22
CA ASP B 29 34.83 -14.23 8.19
C ASP B 29 36.22 -13.62 8.07
N ARG B 30 36.73 -13.51 6.83
CA ARG B 30 38.08 -12.99 6.63
C ARG B 30 38.13 -11.49 6.93
N ALA B 31 37.08 -10.76 6.58
CA ALA B 31 37.06 -9.33 6.88
C ALA B 31 37.02 -9.06 8.37
N LEU B 32 36.48 -10.00 9.14
CA LEU B 32 36.45 -9.87 10.60
C LEU B 32 37.72 -10.35 11.26
N GLY B 33 38.68 -10.87 10.50
CA GLY B 33 39.89 -11.41 11.08
C GLY B 33 39.70 -12.71 11.82
N ILE B 34 38.62 -13.44 11.52
CA ILE B 34 38.37 -14.71 12.22
C ILE B 34 39.47 -15.73 11.96
N PRO B 35 39.93 -15.96 10.72
CA PRO B 35 41.07 -16.87 10.54
C PRO B 35 42.31 -16.44 11.29
N GLU B 36 42.55 -15.13 11.44
CA GLU B 36 43.69 -14.66 12.22
C GLU B 36 43.55 -15.07 13.72
N VAL B 38 41.70 -17.42 15.09
CA VAL B 38 41.83 -18.91 15.27
C VAL B 38 43.29 -19.38 15.21
N ASN B 39 44.10 -18.80 14.32
CA ASN B 39 45.50 -19.17 14.25
C ASN B 39 46.26 -18.78 15.51
N GLN B 40 45.77 -17.80 16.28
CA GLN B 40 46.37 -17.54 17.58
C GLN B 40 46.07 -18.69 18.55
N GLY B 41 44.88 -19.26 18.48
CA GLY B 41 44.59 -20.36 19.38
C GLY B 41 45.38 -21.67 19.16
N GLN B 42 45.93 -21.91 17.97
CA GLN B 42 46.55 -23.19 17.64
C GLN B 42 48.03 -23.25 17.96
N ALA B 43 48.61 -22.19 18.52
CA ALA B 43 49.98 -22.21 19.02
C ALA B 43 49.96 -22.18 20.54
N LEU B 44 49.75 -21.00 21.11
CA LEU B 44 49.67 -20.85 22.56
C LEU B 44 48.21 -20.88 23.03
#